data_3TYU
#
_entry.id   3TYU
#
_cell.length_a   70.750
_cell.length_b   50.536
_cell.length_c   74.495
_cell.angle_alpha   90.00
_cell.angle_beta   90.72
_cell.angle_gamma   90.00
#
_symmetry.space_group_name_H-M   'P 1 21 1'
#
loop_
_entity.id
_entity.type
_entity.pdbx_description
1 polymer '7,8-dihydropteroate synthase'
2 non-polymer 'PTEROIC ACID'
3 water water
#
_entity_poly.entity_id   1
_entity_poly.type   'polypeptide(L)'
_entity_poly.pdbx_seq_one_letter_code
;GSHMHLTARGLTLDLSRPQVMGILNVTPDSFSDGGCHNNLDQALQHAQRMLSAGATLIDIGGESTRPGAAEVSEQEELDR
VVPVVEALAQRFDVWLSVDTSKAAVITESAHAGAHLINDIRSLQEPGALEAAAKTGLPVCLMHMQGQPKNMQHSPYYDDL
MTDINRFFQHHIERCVAAGIAKNKLLLDPGFGFGKNLAHNYQLLAHLSELHHFELPLLVGMSRKSMVGQLLNVPPQQRVI
GSVACAVIAAMQGAQIIRVHDVKETVEAMCIVEATRSAKG
;
_entity_poly.pdbx_strand_id   A,B
#
# COMPACT_ATOMS: atom_id res chain seq x y z
N MET A 4 -21.61 3.24 2.30
CA MET A 4 -21.87 4.72 2.38
C MET A 4 -21.99 5.17 3.84
N HIS A 5 -22.56 4.29 4.65
CA HIS A 5 -22.75 4.49 6.08
C HIS A 5 -23.11 3.13 6.72
N LEU A 6 -22.98 3.04 8.03
CA LEU A 6 -23.49 1.86 8.72
C LEU A 6 -24.36 2.25 9.91
N THR A 7 -25.28 1.38 10.25
CA THR A 7 -26.26 1.64 11.29
C THR A 7 -26.21 0.52 12.34
N ALA A 8 -25.95 0.88 13.59
CA ALA A 8 -26.05 -0.08 14.69
C ALA A 8 -26.27 0.56 16.06
N ARG A 9 -27.10 -0.08 16.89
CA ARG A 9 -27.34 0.32 18.28
C ARG A 9 -27.40 1.83 18.43
N GLY A 10 -27.94 2.51 17.44
CA GLY A 10 -28.09 3.96 17.47
C GLY A 10 -26.99 4.74 16.79
N LEU A 11 -25.87 4.08 16.53
CA LEU A 11 -24.70 4.75 15.98
C LEU A 11 -24.51 4.47 14.49
N THR A 12 -23.91 5.43 13.80
CA THR A 12 -23.68 5.32 12.38
C THR A 12 -22.20 5.45 12.21
N LEU A 13 -21.68 4.80 11.16
CA LEU A 13 -20.26 4.77 10.87
C LEU A 13 -20.06 5.25 9.44
N ASP A 14 -19.06 6.10 9.20
CA ASP A 14 -18.88 6.76 7.89
C ASP A 14 -18.09 6.00 6.83
N LEU A 15 -18.77 5.34 5.89
CA LEU A 15 -18.06 4.68 4.79
C LEU A 15 -17.91 5.54 3.52
N SER A 16 -17.80 6.85 3.73
CA SER A 16 -17.45 7.80 2.67
C SER A 16 -15.96 7.65 2.40
N ARG A 17 -15.23 7.30 3.46
CA ARG A 17 -13.78 7.23 3.46
C ARG A 17 -13.32 5.98 4.21
N PRO A 18 -12.17 5.40 3.82
CA PRO A 18 -11.75 4.07 4.31
C PRO A 18 -11.57 3.97 5.84
N GLN A 19 -12.16 2.93 6.45
CA GLN A 19 -12.14 2.76 7.89
C GLN A 19 -11.26 1.59 8.35
N VAL A 20 -10.43 1.85 9.35
CA VAL A 20 -9.48 0.85 9.84
C VAL A 20 -10.04 0.10 11.05
N MET A 21 -10.01 -1.22 10.99
CA MET A 21 -10.45 -2.06 12.11
C MET A 21 -9.25 -2.71 12.78
N GLY A 22 -9.09 -2.51 14.08
CA GLY A 22 -7.99 -3.10 14.80
C GLY A 22 -8.34 -4.52 15.17
N ILE A 23 -7.42 -5.44 14.93
CA ILE A 23 -7.61 -6.80 15.41
C ILE A 23 -7.33 -6.80 16.91
N LEU A 24 -8.31 -7.31 17.65
CA LEU A 24 -8.12 -7.58 19.03
C LEU A 24 -8.35 -9.05 19.27
N ASN A 25 -7.32 -9.86 19.06
CA ASN A 25 -7.44 -11.28 19.36
C ASN A 25 -7.32 -11.50 20.85
N VAL A 26 -8.08 -12.46 21.35
CA VAL A 26 -8.08 -12.80 22.77
C VAL A 26 -7.87 -14.30 23.00
N THR A 27 -6.74 -14.81 22.52
CA THR A 27 -6.37 -16.21 22.71
C THR A 27 -5.28 -16.36 23.81
N PRO A 28 -3.96 -16.21 23.49
CA PRO A 28 -3.04 -16.02 24.61
C PRO A 28 -2.53 -14.56 24.68
N ASP A 29 -2.88 -13.90 25.79
CA ASP A 29 -2.56 -12.49 26.02
C ASP A 29 -1.10 -12.26 26.44
N SER A 30 -0.48 -13.27 27.06
CA SER A 30 0.91 -13.25 27.55
C SER A 30 1.01 -12.64 28.94
N HIS A 37 -1.11 -8.21 36.29
CA HIS A 37 -1.58 -7.82 34.97
C HIS A 37 -2.61 -8.82 34.44
N ASN A 38 -3.88 -8.45 34.63
CA ASN A 38 -5.02 -9.22 34.14
C ASN A 38 -5.02 -9.32 32.61
N ASN A 39 -5.53 -10.44 32.10
CA ASN A 39 -5.65 -10.64 30.65
C ASN A 39 -6.67 -9.70 30.03
N LEU A 40 -7.66 -9.32 30.82
CA LEU A 40 -8.62 -8.33 30.41
C LEU A 40 -7.88 -7.01 30.31
N ASP A 41 -7.21 -6.61 31.40
CA ASP A 41 -6.39 -5.39 31.45
C ASP A 41 -5.56 -5.20 30.19
N GLN A 42 -4.84 -6.23 29.79
CA GLN A 42 -4.02 -6.16 28.58
C GLN A 42 -4.84 -5.90 27.32
N ALA A 43 -5.95 -6.62 27.18
CA ALA A 43 -6.87 -6.42 26.07
C ALA A 43 -7.32 -4.97 26.00
N LEU A 44 -7.75 -4.43 27.14
CA LEU A 44 -8.19 -3.05 27.21
C LEU A 44 -7.09 -2.04 26.85
N GLN A 45 -5.85 -2.32 27.27
CA GLN A 45 -4.72 -1.44 26.94
C GLN A 45 -4.43 -1.47 25.45
N HIS A 46 -4.45 -2.67 24.87
CA HIS A 46 -4.31 -2.83 23.43
C HIS A 46 -5.42 -2.11 22.68
N ALA A 47 -6.67 -2.30 23.09
CA ALA A 47 -7.79 -1.65 22.42
C ALA A 47 -7.55 -0.15 22.40
N GLN A 48 -7.33 0.38 23.61
CA GLN A 48 -6.96 1.77 23.83
C GLN A 48 -5.88 2.27 22.86
N ARG A 49 -4.82 1.49 22.72
CA ARG A 49 -3.74 1.88 21.86
C ARG A 49 -4.15 1.97 20.37
N MET A 50 -5.12 1.17 19.97
CA MET A 50 -5.57 1.18 18.59
C MET A 50 -6.53 2.32 18.30
N LEU A 51 -7.36 2.64 19.28
CA LEU A 51 -8.23 3.78 19.20
C LEU A 51 -7.44 5.08 19.01
N SER A 52 -6.52 5.37 19.94
CA SER A 52 -5.60 6.50 19.81
C SER A 52 -5.08 6.57 18.38
N ALA A 53 -4.61 5.40 17.91
CA ALA A 53 -3.93 5.31 16.63
C ALA A 53 -4.86 5.65 15.50
N GLY A 54 -6.18 5.43 15.68
CA GLY A 54 -7.20 5.85 14.70
C GLY A 54 -8.13 4.77 14.12
N ALA A 55 -8.15 3.58 14.71
CA ALA A 55 -9.16 2.60 14.35
C ALA A 55 -10.52 3.16 14.76
N THR A 56 -11.54 2.89 13.95
CA THR A 56 -12.90 3.26 14.30
C THR A 56 -13.74 2.02 14.49
N LEU A 57 -13.14 0.84 14.40
CA LEU A 57 -13.81 -0.42 14.82
C LEU A 57 -12.77 -1.30 15.53
N ILE A 58 -13.21 -2.11 16.49
CA ILE A 58 -12.37 -3.13 17.12
C ILE A 58 -12.95 -4.56 16.97
N ASP A 59 -12.23 -5.45 16.28
CA ASP A 59 -12.69 -6.81 16.03
C ASP A 59 -12.19 -7.75 17.12
N ILE A 60 -13.11 -8.25 17.91
CA ILE A 60 -12.78 -9.09 19.04
C ILE A 60 -12.98 -10.54 18.61
N GLY A 61 -11.92 -11.31 18.67
CA GLY A 61 -11.97 -12.69 18.28
C GLY A 61 -11.25 -13.53 19.29
N GLY A 62 -11.86 -14.66 19.63
CA GLY A 62 -11.29 -15.63 20.55
C GLY A 62 -11.35 -17.00 19.96
N GLU A 63 -10.97 -17.09 18.70
CA GLU A 63 -10.99 -18.34 17.97
C GLU A 63 -9.64 -18.46 17.27
N SER A 64 -8.91 -19.55 17.52
CA SER A 64 -7.62 -19.77 16.86
C SER A 64 -7.82 -20.21 15.39
N THR A 65 -8.35 -19.29 14.58
CA THR A 65 -8.85 -19.57 13.22
C THR A 65 -7.81 -19.71 12.09
N ARG A 66 -6.54 -19.40 12.36
CA ARG A 66 -5.47 -19.84 11.47
C ARG A 66 -5.47 -21.40 11.47
N PRO A 67 -5.51 -22.03 10.26
CA PRO A 67 -5.58 -23.50 10.04
C PRO A 67 -4.84 -24.37 11.06
N GLY A 68 -5.47 -25.49 11.45
CA GLY A 68 -4.96 -26.33 12.54
C GLY A 68 -5.17 -25.65 13.89
N ALA A 69 -4.36 -26.06 14.87
CA ALA A 69 -4.40 -25.55 16.25
C ALA A 69 -5.65 -25.97 17.06
N ALA A 70 -6.51 -26.80 16.44
CA ALA A 70 -7.76 -27.29 17.05
C ALA A 70 -8.92 -26.26 17.04
N GLU A 71 -9.99 -26.58 17.78
CA GLU A 71 -11.22 -25.76 17.80
C GLU A 71 -11.64 -25.31 19.20
N VAL A 72 -12.79 -24.64 19.29
CA VAL A 72 -13.29 -24.07 20.54
C VAL A 72 -14.79 -24.34 20.72
N SER A 73 -15.24 -24.46 21.97
CA SER A 73 -16.65 -24.69 22.29
C SER A 73 -17.36 -23.40 22.68
N GLU A 74 -18.69 -23.36 22.51
CA GLU A 74 -19.51 -22.18 22.81
C GLU A 74 -19.23 -21.56 24.18
N GLN A 75 -19.17 -22.39 25.22
CA GLN A 75 -18.94 -21.92 26.59
C GLN A 75 -17.55 -21.28 26.79
N GLU A 76 -16.53 -21.88 26.16
CA GLU A 76 -15.18 -21.38 26.24
C GLU A 76 -15.02 -20.04 25.49
N GLU A 77 -15.64 -19.92 24.32
CA GLU A 77 -15.57 -18.67 23.55
C GLU A 77 -16.29 -17.51 24.26
N LEU A 78 -17.48 -17.80 24.79
CA LEU A 78 -18.25 -16.81 25.54
C LEU A 78 -17.45 -16.22 26.68
N ASP A 79 -16.90 -17.07 27.54
CA ASP A 79 -16.07 -16.61 28.67
C ASP A 79 -14.86 -15.79 28.20
N ARG A 80 -14.23 -16.19 27.12
CA ARG A 80 -13.09 -15.42 26.66
C ARG A 80 -13.48 -14.15 25.92
N VAL A 81 -14.58 -14.19 25.17
CA VAL A 81 -14.98 -13.06 24.32
C VAL A 81 -15.84 -12.03 25.03
N VAL A 82 -16.87 -12.50 25.73
CA VAL A 82 -17.96 -11.62 26.19
C VAL A 82 -17.61 -10.59 27.28
N PRO A 83 -16.66 -10.92 28.18
CA PRO A 83 -16.21 -9.90 29.13
C PRO A 83 -15.57 -8.68 28.46
N VAL A 84 -14.68 -8.94 27.50
CA VAL A 84 -14.01 -7.84 26.77
C VAL A 84 -14.98 -6.97 25.96
N VAL A 85 -15.97 -7.60 25.34
CA VAL A 85 -17.10 -6.89 24.77
C VAL A 85 -17.81 -5.96 25.78
N GLU A 86 -18.20 -6.50 26.94
CA GLU A 86 -18.74 -5.68 28.05
C GLU A 86 -17.82 -4.53 28.43
N ALA A 87 -16.53 -4.83 28.59
CA ALA A 87 -15.56 -3.87 29.11
C ALA A 87 -15.34 -2.69 28.18
N LEU A 88 -15.14 -3.00 26.91
CA LEU A 88 -14.92 -1.93 25.94
C LEU A 88 -16.16 -1.05 25.82
N ALA A 89 -17.33 -1.69 25.75
CA ALA A 89 -18.58 -0.99 25.49
C ALA A 89 -18.87 0.10 26.54
N GLN A 90 -18.63 -0.23 27.81
CA GLN A 90 -18.81 0.69 28.94
C GLN A 90 -17.79 1.81 28.81
N ARG A 91 -16.56 1.42 28.45
CA ARG A 91 -15.39 2.30 28.44
C ARG A 91 -15.27 3.31 27.30
N PHE A 92 -15.44 2.89 26.05
CA PHE A 92 -15.22 3.82 24.92
C PHE A 92 -16.36 3.85 23.91
N ASP A 93 -16.35 4.90 23.09
CA ASP A 93 -17.26 5.00 21.95
C ASP A 93 -16.55 4.53 20.66
N VAL A 94 -16.76 3.26 20.30
CA VAL A 94 -16.15 2.70 19.11
C VAL A 94 -17.05 1.61 18.63
N TRP A 95 -17.12 1.42 17.33
CA TRP A 95 -17.73 0.24 16.78
C TRP A 95 -17.03 -1.01 17.27
N LEU A 96 -17.81 -1.89 17.88
CA LEU A 96 -17.27 -3.13 18.37
C LEU A 96 -17.80 -4.24 17.50
N SER A 97 -16.89 -5.08 17.07
CA SER A 97 -17.21 -6.14 16.15
C SER A 97 -16.81 -7.46 16.79
N VAL A 98 -17.57 -8.50 16.51
CA VAL A 98 -17.24 -9.79 17.08
C VAL A 98 -17.11 -10.76 15.95
N ASP A 99 -15.96 -11.39 15.86
CA ASP A 99 -15.87 -12.43 14.87
C ASP A 99 -16.07 -13.78 15.53
N THR A 100 -17.19 -14.39 15.16
CA THR A 100 -17.65 -15.58 15.80
C THR A 100 -18.62 -16.22 14.82
N SER A 101 -18.89 -17.51 15.02
CA SER A 101 -19.76 -18.29 14.15
C SER A 101 -20.81 -19.02 14.99
N LYS A 102 -20.75 -18.78 16.30
CA LYS A 102 -21.58 -19.50 17.24
C LYS A 102 -22.83 -18.70 17.56
N ALA A 103 -23.98 -19.35 17.48
CA ALA A 103 -25.25 -18.68 17.78
C ALA A 103 -25.17 -18.00 19.16
N ALA A 104 -24.66 -18.74 20.15
CA ALA A 104 -24.57 -18.25 21.54
C ALA A 104 -23.73 -16.99 21.71
N VAL A 105 -22.62 -16.92 20.96
CA VAL A 105 -21.68 -15.81 21.06
C VAL A 105 -22.23 -14.60 20.35
N ILE A 106 -22.91 -14.83 19.25
CA ILE A 106 -23.71 -13.81 18.60
C ILE A 106 -24.80 -13.31 19.54
N THR A 107 -25.54 -14.22 20.18
CA THR A 107 -26.61 -13.77 21.05
C THR A 107 -26.05 -12.93 22.20
N GLU A 108 -25.27 -13.56 23.09
CA GLU A 108 -24.78 -12.90 24.30
C GLU A 108 -23.91 -11.65 24.02
N SER A 109 -23.17 -11.66 22.91
CA SER A 109 -22.35 -10.49 22.55
C SER A 109 -23.20 -9.28 22.14
N ALA A 110 -24.33 -9.54 21.49
CA ALA A 110 -25.28 -8.47 21.15
C ALA A 110 -25.81 -7.74 22.39
N HIS A 111 -26.35 -8.52 23.34
CA HIS A 111 -26.79 -8.02 24.64
C HIS A 111 -25.69 -7.17 25.27
N ALA A 112 -24.45 -7.60 25.11
CA ALA A 112 -23.29 -6.94 25.74
C ALA A 112 -22.91 -5.61 25.08
N GLY A 113 -23.38 -5.39 23.86
CA GLY A 113 -23.19 -4.11 23.19
C GLY A 113 -22.29 -4.14 21.97
N ALA A 114 -22.26 -5.28 21.28
CA ALA A 114 -21.49 -5.40 20.06
C ALA A 114 -22.24 -4.64 18.98
N HIS A 115 -21.53 -4.02 18.04
CA HIS A 115 -22.17 -3.29 16.92
C HIS A 115 -22.26 -4.08 15.61
N LEU A 116 -21.44 -5.11 15.47
CA LEU A 116 -21.31 -5.75 14.20
C LEU A 116 -20.88 -7.20 14.35
N ILE A 117 -21.55 -8.09 13.61
CA ILE A 117 -21.22 -9.50 13.63
C ILE A 117 -20.31 -9.87 12.46
N ASN A 118 -19.11 -10.33 12.77
CA ASN A 118 -18.16 -10.70 11.74
C ASN A 118 -18.02 -12.21 11.66
N ASP A 119 -18.72 -12.83 10.70
CA ASP A 119 -18.73 -14.30 10.58
C ASP A 119 -18.00 -14.89 9.36
N ILE A 120 -16.81 -15.44 9.58
CA ILE A 120 -16.06 -16.08 8.48
C ILE A 120 -16.75 -17.35 7.92
N ARG A 121 -17.84 -17.77 8.54
CA ARG A 121 -18.60 -18.92 8.07
C ARG A 121 -19.97 -18.48 7.58
N SER A 122 -20.13 -17.18 7.39
CA SER A 122 -21.34 -16.62 6.81
C SER A 122 -22.62 -17.26 7.33
N LEU A 123 -22.65 -17.49 8.65
CA LEU A 123 -23.86 -17.94 9.38
C LEU A 123 -24.32 -19.34 9.04
N GLN A 124 -23.42 -20.13 8.44
CA GLN A 124 -23.66 -21.53 8.15
C GLN A 124 -23.94 -22.42 9.37
N GLU A 125 -23.38 -22.04 10.51
CA GLU A 125 -23.55 -22.80 11.76
C GLU A 125 -25.01 -22.83 12.26
N PRO A 126 -25.42 -23.93 12.94
CA PRO A 126 -26.79 -24.13 13.41
C PRO A 126 -27.37 -22.92 14.16
N GLY A 127 -28.54 -22.46 13.73
CA GLY A 127 -29.21 -21.32 14.34
C GLY A 127 -28.47 -19.98 14.32
N ALA A 128 -27.22 -19.97 13.85
CA ALA A 128 -26.47 -18.73 13.74
C ALA A 128 -27.30 -17.72 12.94
N LEU A 129 -27.81 -18.14 11.79
CA LEU A 129 -28.59 -17.23 10.96
C LEU A 129 -29.76 -16.55 11.69
N GLU A 130 -30.46 -17.30 12.52
CA GLU A 130 -31.62 -16.75 13.21
C GLU A 130 -31.20 -15.89 14.39
N ALA A 131 -30.09 -16.27 15.01
CA ALA A 131 -29.52 -15.49 16.10
C ALA A 131 -29.12 -14.12 15.57
N ALA A 132 -28.41 -14.13 14.44
CA ALA A 132 -27.92 -12.90 13.80
C ALA A 132 -29.05 -11.95 13.45
N ALA A 133 -30.05 -12.49 12.74
CA ALA A 133 -31.19 -11.74 12.27
C ALA A 133 -31.86 -11.06 13.45
N LYS A 134 -31.99 -11.84 14.54
CA LYS A 134 -32.71 -11.43 15.76
C LYS A 134 -32.04 -10.26 16.51
N THR A 135 -30.75 -10.04 16.28
CA THR A 135 -30.06 -8.91 16.89
C THR A 135 -30.29 -7.63 16.09
N GLY A 136 -30.80 -7.77 14.87
CA GLY A 136 -30.93 -6.63 13.97
C GLY A 136 -29.61 -5.92 13.67
N LEU A 137 -28.48 -6.52 14.07
CA LEU A 137 -27.17 -5.93 13.82
C LEU A 137 -26.59 -6.31 12.46
N PRO A 138 -25.83 -5.40 11.85
CA PRO A 138 -25.22 -5.67 10.55
C PRO A 138 -24.29 -6.86 10.63
N VAL A 139 -24.21 -7.63 9.55
CA VAL A 139 -23.43 -8.84 9.48
C VAL A 139 -22.43 -8.76 8.34
N CYS A 140 -21.20 -9.18 8.58
CA CYS A 140 -20.24 -9.37 7.49
C CYS A 140 -20.14 -10.86 7.09
N LEU A 141 -20.13 -11.12 5.79
CA LEU A 141 -20.08 -12.50 5.28
C LEU A 141 -18.73 -12.71 4.61
N MET A 142 -18.17 -13.90 4.72
CA MET A 142 -16.85 -14.11 4.13
C MET A 142 -16.84 -15.29 3.17
N HIS A 143 -16.32 -15.01 1.98
CA HIS A 143 -16.02 -16.09 1.07
C HIS A 143 -14.90 -16.89 1.65
N MET A 144 -15.14 -18.18 1.67
CA MET A 144 -14.21 -19.19 2.01
C MET A 144 -14.34 -20.29 0.93
N GLN A 145 -13.22 -20.89 0.53
CA GLN A 145 -13.33 -22.15 -0.16
C GLN A 145 -13.21 -23.33 0.80
N GLY A 146 -14.33 -24.03 0.95
CA GLY A 146 -14.41 -25.24 1.74
C GLY A 146 -15.42 -26.13 1.02
N MET A 151 -9.48 -31.72 5.37
CA MET A 151 -9.76 -30.29 5.19
C MET A 151 -8.54 -29.52 4.62
N GLN A 152 -7.38 -30.20 4.55
CA GLN A 152 -6.16 -29.65 3.92
C GLN A 152 -6.12 -29.96 2.40
N HIS A 153 -6.40 -28.93 1.59
CA HIS A 153 -6.63 -29.08 0.16
C HIS A 153 -5.95 -27.98 -0.61
N SER A 154 -5.39 -28.31 -1.77
CA SER A 154 -4.85 -27.34 -2.72
C SER A 154 -5.97 -26.49 -3.28
N PRO A 155 -5.96 -25.19 -2.97
CA PRO A 155 -7.10 -24.45 -3.49
C PRO A 155 -7.10 -24.44 -5.03
N TYR A 156 -8.30 -24.58 -5.63
CA TYR A 156 -8.48 -24.46 -7.09
C TYR A 156 -9.81 -23.77 -7.45
N TYR A 157 -9.79 -22.87 -8.44
CA TYR A 157 -11.03 -22.30 -9.04
C TYR A 157 -11.01 -22.31 -10.57
N ASP A 158 -12.15 -22.60 -11.20
CA ASP A 158 -12.30 -22.46 -12.66
C ASP A 158 -12.19 -20.97 -12.97
N ASP A 159 -12.87 -20.18 -12.15
CA ASP A 159 -12.76 -18.74 -12.19
C ASP A 159 -13.11 -18.12 -10.83
N LEU A 160 -12.07 -17.64 -10.17
CA LEU A 160 -12.15 -17.16 -8.81
C LEU A 160 -13.19 -16.08 -8.56
N MET A 161 -13.28 -15.09 -9.45
CA MET A 161 -14.21 -13.99 -9.18
C MET A 161 -15.65 -14.41 -9.38
N THR A 162 -15.92 -15.20 -10.42
CA THR A 162 -17.24 -15.77 -10.64
C THR A 162 -17.69 -16.54 -9.41
N ASP A 163 -16.74 -17.24 -8.79
CA ASP A 163 -17.03 -18.16 -7.70
C ASP A 163 -17.35 -17.33 -6.48
N ILE A 164 -16.61 -16.24 -6.31
CA ILE A 164 -16.84 -15.34 -5.20
C ILE A 164 -18.18 -14.65 -5.37
N ASN A 165 -18.44 -14.15 -6.58
CA ASN A 165 -19.73 -13.54 -6.95
C ASN A 165 -20.94 -14.43 -6.74
N ARG A 166 -20.75 -15.72 -6.95
CA ARG A 166 -21.87 -16.65 -6.85
C ARG A 166 -22.13 -16.91 -5.37
N PHE A 167 -21.06 -17.23 -4.63
CA PHE A 167 -21.15 -17.44 -3.18
C PHE A 167 -21.89 -16.30 -2.45
N PHE A 168 -21.55 -15.07 -2.81
CA PHE A 168 -22.14 -13.93 -2.13
C PHE A 168 -23.60 -13.79 -2.49
N GLN A 169 -23.89 -13.92 -3.78
CA GLN A 169 -25.24 -13.89 -4.32
C GLN A 169 -26.14 -14.85 -3.55
N HIS A 170 -25.66 -16.08 -3.42
CA HIS A 170 -26.31 -17.14 -2.65
C HIS A 170 -26.58 -16.67 -1.22
N HIS A 171 -25.53 -16.26 -0.51
CA HIS A 171 -25.67 -15.91 0.90
C HIS A 171 -26.37 -14.59 1.22
N ILE A 172 -26.37 -13.66 0.27
CA ILE A 172 -27.15 -12.45 0.45
C ILE A 172 -28.64 -12.80 0.53
N GLU A 173 -29.06 -13.73 -0.33
CA GLU A 173 -30.44 -14.17 -0.40
C GLU A 173 -30.81 -15.03 0.80
N ARG A 174 -29.95 -15.97 1.17
CA ARG A 174 -30.13 -16.74 2.40
C ARG A 174 -30.20 -15.84 3.66
N CYS A 175 -29.67 -14.63 3.57
CA CYS A 175 -29.80 -13.69 4.66
C CYS A 175 -31.08 -12.87 4.56
N VAL A 176 -31.39 -12.42 3.35
CA VAL A 176 -32.56 -11.56 3.13
C VAL A 176 -33.87 -12.31 3.39
N ALA A 177 -33.82 -13.64 3.33
CA ALA A 177 -35.00 -14.47 3.56
C ALA A 177 -35.18 -14.77 5.04
N ALA A 178 -34.07 -14.78 5.78
CA ALA A 178 -34.10 -15.01 7.21
C ALA A 178 -34.49 -13.75 7.99
N GLY A 179 -34.55 -12.62 7.29
CA GLY A 179 -35.02 -11.37 7.86
C GLY A 179 -33.97 -10.28 8.00
N ILE A 180 -32.74 -10.54 7.55
CA ILE A 180 -31.67 -9.54 7.58
C ILE A 180 -31.73 -8.67 6.32
N ALA A 181 -32.02 -7.38 6.52
CA ALA A 181 -32.11 -6.44 5.41
C ALA A 181 -30.82 -6.47 4.60
N LYS A 182 -30.93 -6.33 3.28
CA LYS A 182 -29.76 -6.33 2.43
C LYS A 182 -28.75 -5.29 2.90
N ASN A 183 -29.25 -4.18 3.43
CA ASN A 183 -28.39 -3.12 3.91
C ASN A 183 -27.84 -3.31 5.32
N LYS A 184 -28.04 -4.50 5.90
CA LYS A 184 -27.28 -4.86 7.10
C LYS A 184 -26.01 -5.58 6.69
N LEU A 185 -25.83 -5.83 5.40
CA LEU A 185 -24.85 -6.80 4.97
C LEU A 185 -23.53 -6.21 4.54
N LEU A 186 -22.44 -6.87 4.94
CA LEU A 186 -21.08 -6.55 4.49
C LEU A 186 -20.47 -7.76 3.79
N LEU A 187 -19.57 -7.50 2.84
CA LEU A 187 -18.90 -8.58 2.11
C LEU A 187 -17.40 -8.52 2.26
N ASP A 188 -16.82 -9.69 2.48
CA ASP A 188 -15.39 -9.85 2.64
C ASP A 188 -15.02 -11.09 1.80
N PRO A 189 -14.18 -10.91 0.77
CA PRO A 189 -13.80 -11.93 -0.18
C PRO A 189 -12.84 -12.96 0.44
N GLY A 190 -12.34 -12.69 1.64
CA GLY A 190 -11.64 -13.71 2.43
C GLY A 190 -10.25 -14.02 1.91
N PHE A 191 -9.40 -13.03 1.90
CA PHE A 191 -8.02 -13.24 1.59
C PHE A 191 -7.43 -14.37 2.45
N GLY A 192 -6.65 -15.23 1.82
CA GLY A 192 -6.03 -16.33 2.53
C GLY A 192 -6.92 -17.48 2.96
N PHE A 193 -8.19 -17.43 2.60
CA PHE A 193 -9.12 -18.53 2.96
C PHE A 193 -9.39 -19.41 1.75
N GLY A 194 -8.60 -20.46 1.63
CA GLY A 194 -8.72 -21.40 0.53
C GLY A 194 -8.32 -20.71 -0.75
N LYS A 195 -7.22 -19.99 -0.71
CA LYS A 195 -6.75 -19.22 -1.85
C LYS A 195 -5.26 -19.31 -1.84
N ASN A 196 -4.67 -19.75 -2.94
CA ASN A 196 -3.22 -19.77 -2.97
C ASN A 196 -2.72 -18.31 -3.16
N LEU A 197 -1.42 -18.14 -3.33
CA LEU A 197 -0.83 -16.85 -3.48
C LEU A 197 -1.32 -16.19 -4.76
N ALA A 198 -1.38 -16.97 -5.84
CA ALA A 198 -1.78 -16.41 -7.11
C ALA A 198 -3.17 -15.83 -6.93
N HIS A 199 -4.04 -16.58 -6.24
CA HIS A 199 -5.47 -16.27 -6.11
C HIS A 199 -5.67 -14.96 -5.39
N ASN A 200 -4.85 -14.77 -4.36
CA ASN A 200 -4.99 -13.65 -3.46
C ASN A 200 -4.69 -12.37 -4.21
N TYR A 201 -3.69 -12.42 -5.07
CA TYR A 201 -3.28 -11.22 -5.78
C TYR A 201 -4.21 -10.95 -6.96
N GLN A 202 -4.77 -12.00 -7.51
CA GLN A 202 -5.77 -11.81 -8.53
C GLN A 202 -7.03 -11.17 -7.90
N LEU A 203 -7.29 -11.46 -6.63
CA LEU A 203 -8.51 -11.01 -6.00
C LEU A 203 -8.27 -9.58 -5.59
N LEU A 204 -7.10 -9.31 -5.01
CA LEU A 204 -6.72 -7.95 -4.78
C LEU A 204 -6.85 -7.16 -6.10
N ALA A 205 -6.30 -7.70 -7.19
CA ALA A 205 -6.24 -6.98 -8.45
C ALA A 205 -7.60 -6.66 -8.99
N HIS A 206 -8.57 -7.54 -8.78
CA HIS A 206 -9.90 -7.41 -9.34
C HIS A 206 -10.90 -7.03 -8.24
N LEU A 207 -10.43 -6.50 -7.12
CA LEU A 207 -11.30 -6.23 -5.99
C LEU A 207 -12.48 -5.32 -6.37
N SER A 208 -12.20 -4.27 -7.16
CA SER A 208 -13.21 -3.26 -7.32
C SER A 208 -14.50 -3.87 -7.87
N GLU A 209 -14.39 -5.00 -8.56
CA GLU A 209 -15.52 -5.70 -9.17
C GLU A 209 -16.65 -6.07 -8.19
N LEU A 210 -16.32 -6.27 -6.93
CA LEU A 210 -17.32 -6.63 -5.94
C LEU A 210 -18.21 -5.46 -5.49
N HIS A 211 -17.90 -4.24 -5.96
CA HIS A 211 -18.73 -3.08 -5.68
C HIS A 211 -20.11 -3.19 -6.33
N HIS A 212 -20.32 -4.25 -7.12
CA HIS A 212 -21.58 -4.32 -7.86
C HIS A 212 -22.76 -4.75 -6.99
N PHE A 213 -22.50 -5.38 -5.86
CA PHE A 213 -23.57 -5.75 -4.93
C PHE A 213 -24.08 -4.55 -4.16
N GLU A 214 -23.48 -3.38 -4.37
CA GLU A 214 -23.83 -2.16 -3.61
C GLU A 214 -23.84 -2.37 -2.08
N LEU A 215 -23.03 -3.28 -1.58
CA LEU A 215 -22.77 -3.41 -0.13
C LEU A 215 -21.33 -3.03 0.18
N PRO A 216 -21.02 -2.65 1.43
CA PRO A 216 -19.62 -2.32 1.73
C PRO A 216 -18.69 -3.55 1.71
N LEU A 217 -17.42 -3.33 1.45
CA LEU A 217 -16.43 -4.42 1.41
C LEU A 217 -15.50 -4.24 2.55
N LEU A 218 -15.18 -5.37 3.18
CA LEU A 218 -14.20 -5.42 4.25
C LEU A 218 -13.13 -6.40 3.86
N VAL A 219 -11.88 -6.06 4.11
CA VAL A 219 -10.81 -6.94 3.68
C VAL A 219 -9.77 -7.06 4.74
N GLY A 220 -9.15 -8.22 4.80
CA GLY A 220 -8.15 -8.52 5.78
C GLY A 220 -7.00 -9.22 5.11
N MET A 221 -5.88 -8.49 5.01
CA MET A 221 -4.63 -8.95 4.42
C MET A 221 -3.47 -8.88 5.41
N SER A 222 -3.72 -8.28 6.57
CA SER A 222 -2.68 -7.92 7.52
C SER A 222 -1.82 -9.10 8.03
N ARG A 223 -0.52 -9.03 7.75
CA ARG A 223 0.49 -10.00 8.17
C ARG A 223 0.17 -11.43 7.76
N LYS A 224 -0.68 -11.58 6.75
CA LYS A 224 -0.97 -12.91 6.23
C LYS A 224 0.17 -13.51 5.39
N SER A 225 0.09 -14.80 5.10
CA SER A 225 1.11 -15.42 4.31
C SER A 225 1.17 -14.86 2.89
N MET A 226 0.09 -14.23 2.44
CA MET A 226 0.14 -13.60 1.12
C MET A 226 1.19 -12.49 1.04
N VAL A 227 1.59 -11.94 2.21
CA VAL A 227 2.72 -11.02 2.29
C VAL A 227 3.99 -11.82 2.68
N GLY A 228 3.85 -12.70 3.67
CA GLY A 228 4.96 -13.49 4.10
C GLY A 228 5.63 -14.26 2.98
N GLN A 229 4.83 -14.96 2.16
CA GLN A 229 5.37 -15.79 1.08
C GLN A 229 6.00 -14.98 -0.05
N LEU A 230 5.66 -13.70 -0.20
CA LEU A 230 6.33 -12.88 -1.21
C LEU A 230 7.61 -12.31 -0.68
N LEU A 231 7.58 -11.82 0.55
CA LEU A 231 8.74 -11.14 1.09
C LEU A 231 9.61 -12.03 1.96
N ASN A 232 9.21 -13.30 2.13
CA ASN A 232 9.85 -14.24 3.07
C ASN A 232 10.34 -13.72 4.44
N VAL A 233 9.45 -13.11 5.23
CA VAL A 233 9.78 -12.56 6.57
C VAL A 233 8.80 -13.03 7.68
N PRO A 234 9.18 -12.93 8.98
CA PRO A 234 8.25 -13.18 10.09
C PRO A 234 7.02 -12.28 10.08
N PRO A 235 5.92 -12.67 10.77
CA PRO A 235 4.69 -11.86 10.84
C PRO A 235 4.92 -10.40 11.29
N GLN A 236 5.80 -10.21 12.28
CA GLN A 236 6.01 -8.87 12.82
C GLN A 236 6.85 -8.01 11.84
N GLN A 237 7.39 -8.61 10.79
CA GLN A 237 8.11 -7.82 9.79
C GLN A 237 7.31 -7.72 8.50
N ARG A 238 6.00 -7.96 8.62
CA ARG A 238 5.14 -7.83 7.48
C ARG A 238 4.34 -6.54 7.46
N VAL A 239 4.72 -5.58 8.30
CA VAL A 239 4.00 -4.32 8.44
C VAL A 239 3.90 -3.57 7.10
N ILE A 240 5.01 -3.36 6.41
CA ILE A 240 5.00 -2.55 5.21
C ILE A 240 4.15 -3.23 4.12
N GLY A 241 4.40 -4.49 3.85
CA GLY A 241 3.69 -5.13 2.78
C GLY A 241 2.21 -5.17 3.04
N SER A 242 1.86 -5.33 4.32
CA SER A 242 0.49 -5.45 4.76
C SER A 242 -0.11 -4.10 4.47
N VAL A 243 0.69 -3.06 4.74
CA VAL A 243 0.21 -1.73 4.51
C VAL A 243 0.06 -1.52 3.01
N ALA A 244 0.96 -2.07 2.21
CA ALA A 244 0.89 -1.83 0.78
C ALA A 244 -0.39 -2.44 0.22
N CYS A 245 -0.78 -3.61 0.73
CA CYS A 245 -2.05 -4.25 0.40
C CYS A 245 -3.21 -3.33 0.78
N ALA A 246 -3.16 -2.77 1.98
CA ALA A 246 -4.20 -1.89 2.43
C ALA A 246 -4.31 -0.78 1.41
N VAL A 247 -3.20 -0.32 0.88
CA VAL A 247 -3.28 0.89 0.03
C VAL A 247 -3.93 0.56 -1.30
N ILE A 248 -3.45 -0.52 -1.92
CA ILE A 248 -4.06 -1.07 -3.12
C ILE A 248 -5.59 -1.33 -2.96
N ALA A 249 -6.03 -1.91 -1.84
CA ALA A 249 -7.49 -2.15 -1.69
C ALA A 249 -8.24 -0.83 -1.53
N ALA A 250 -7.68 0.08 -0.73
CA ALA A 250 -8.33 1.35 -0.49
C ALA A 250 -8.51 2.09 -1.80
N MET A 251 -7.50 2.09 -2.67
CA MET A 251 -7.64 2.76 -3.97
C MET A 251 -8.78 2.16 -4.81
N GLN A 252 -9.13 0.91 -4.54
CA GLN A 252 -10.27 0.30 -5.22
C GLN A 252 -11.55 0.44 -4.40
N GLY A 253 -11.53 1.36 -3.44
CA GLY A 253 -12.72 1.70 -2.68
C GLY A 253 -13.19 0.71 -1.62
N ALA A 254 -12.32 -0.21 -1.17
CA ALA A 254 -12.67 -0.99 0.03
C ALA A 254 -12.97 -0.08 1.21
N GLN A 255 -14.12 -0.30 1.83
CA GLN A 255 -14.56 0.56 2.90
C GLN A 255 -13.87 0.32 4.26
N ILE A 256 -13.63 -0.94 4.61
CA ILE A 256 -13.12 -1.27 5.94
C ILE A 256 -11.89 -2.18 5.82
N ILE A 257 -10.77 -1.77 6.41
CA ILE A 257 -9.56 -2.56 6.37
C ILE A 257 -9.24 -3.18 7.70
N ARG A 258 -9.14 -4.50 7.73
CA ARG A 258 -8.90 -5.17 8.99
C ARG A 258 -7.40 -5.40 9.19
N VAL A 259 -6.82 -4.73 10.17
CA VAL A 259 -5.38 -4.77 10.35
C VAL A 259 -4.89 -4.94 11.79
N HIS A 260 -3.59 -5.27 11.89
CA HIS A 260 -2.94 -5.47 13.16
C HIS A 260 -2.33 -4.16 13.54
N ASP A 261 -1.76 -3.47 12.57
CA ASP A 261 -0.91 -2.30 12.78
C ASP A 261 -1.69 -1.07 12.36
N VAL A 262 -2.41 -0.53 13.35
CA VAL A 262 -3.43 0.47 13.12
C VAL A 262 -2.78 1.79 12.75
N LYS A 263 -1.81 2.21 13.54
CA LYS A 263 -1.18 3.51 13.32
C LYS A 263 -0.66 3.66 11.88
N GLU A 264 0.15 2.69 11.42
CA GLU A 264 0.70 2.74 10.08
C GLU A 264 -0.38 2.78 9.01
N THR A 265 -1.39 1.94 9.17
CA THR A 265 -2.44 1.75 8.18
C THR A 265 -3.22 3.01 8.09
N VAL A 266 -3.56 3.57 9.26
CA VAL A 266 -4.33 4.80 9.35
C VAL A 266 -3.57 5.92 8.68
N GLU A 267 -2.28 6.06 8.94
CA GLU A 267 -1.51 7.07 8.19
C GLU A 267 -1.67 6.78 6.71
N ALA A 268 -1.56 5.53 6.34
CA ALA A 268 -1.63 5.16 4.95
C ALA A 268 -2.96 5.59 4.29
N MET A 269 -4.08 5.40 5.00
CA MET A 269 -5.42 5.76 4.49
C MET A 269 -5.59 7.25 4.26
N CYS A 270 -4.81 8.02 5.00
CA CYS A 270 -4.78 9.47 4.92
C CYS A 270 -4.25 9.94 3.58
N ILE A 271 -3.15 9.35 3.15
CA ILE A 271 -2.61 9.58 1.83
C ILE A 271 -3.63 9.16 0.77
N VAL A 272 -4.21 7.97 0.93
CA VAL A 272 -5.23 7.51 0.00
C VAL A 272 -6.41 8.49 -0.11
N GLU A 273 -6.91 8.97 1.04
CA GLU A 273 -8.07 9.81 1.03
C GLU A 273 -7.74 11.18 0.45
N ALA A 274 -6.56 11.71 0.81
CA ALA A 274 -6.10 12.95 0.22
C ALA A 274 -5.90 12.83 -1.30
N THR A 275 -5.54 11.65 -1.78
CA THR A 275 -5.35 11.41 -3.20
C THR A 275 -6.71 11.28 -3.89
N ARG A 276 -7.65 10.62 -3.21
CA ARG A 276 -9.03 10.47 -3.68
C ARG A 276 -9.89 11.75 -3.51
N SER A 277 -9.25 12.89 -3.25
CA SER A 277 -9.98 14.12 -3.04
C SER A 277 -9.44 15.24 -3.90
N ALA A 278 -8.21 15.05 -4.37
CA ALA A 278 -7.65 15.92 -5.37
C ALA A 278 -7.86 15.26 -6.74
N SER B 2 3.29 -1.12 -23.47
CA SER B 2 4.71 -1.17 -23.93
C SER B 2 5.64 -1.65 -22.81
N HIS B 3 6.09 -2.90 -22.93
CA HIS B 3 7.08 -3.47 -22.00
C HIS B 3 8.45 -2.83 -22.25
N MET B 4 9.11 -2.43 -21.17
CA MET B 4 10.25 -1.54 -21.29
C MET B 4 11.53 -2.10 -20.68
N HIS B 5 12.66 -1.58 -21.15
CA HIS B 5 13.98 -1.90 -20.63
C HIS B 5 14.89 -0.72 -20.97
N LEU B 6 15.98 -0.56 -20.24
CA LEU B 6 16.89 0.55 -20.52
C LEU B 6 18.34 0.10 -20.48
N THR B 7 19.11 0.50 -21.48
CA THR B 7 20.50 0.08 -21.61
C THR B 7 21.48 1.25 -21.61
N ALA B 8 22.57 1.12 -20.86
CA ALA B 8 23.56 2.18 -20.69
C ALA B 8 24.89 1.62 -20.20
N ARG B 9 25.99 2.19 -20.69
CA ARG B 9 27.36 1.75 -20.39
C ARG B 9 27.44 0.22 -20.41
N GLY B 10 26.85 -0.36 -21.47
CA GLY B 10 26.80 -1.82 -21.67
C GLY B 10 26.00 -2.60 -20.64
N LEU B 11 24.97 -1.99 -20.05
CA LEU B 11 24.18 -2.64 -18.99
C LEU B 11 22.67 -2.44 -19.14
N THR B 12 21.88 -3.44 -18.74
CA THR B 12 20.41 -3.41 -18.91
C THR B 12 19.59 -3.24 -17.62
N LEU B 13 18.58 -2.38 -17.67
CA LEU B 13 17.66 -2.13 -16.55
C LEU B 13 16.22 -2.36 -16.99
N ASP B 14 15.65 -3.46 -16.51
CA ASP B 14 14.31 -3.90 -16.91
C ASP B 14 13.23 -3.00 -16.29
N LEU B 15 12.57 -2.20 -17.14
CA LEU B 15 11.56 -1.22 -16.67
C LEU B 15 10.12 -1.68 -16.82
N SER B 16 9.90 -2.99 -16.88
CA SER B 16 8.54 -3.52 -16.97
C SER B 16 8.01 -3.81 -15.57
N ARG B 17 8.82 -3.48 -14.58
CA ARG B 17 8.43 -3.58 -13.19
C ARG B 17 9.13 -2.46 -12.39
N PRO B 18 8.57 -2.08 -11.23
CA PRO B 18 9.01 -0.87 -10.52
C PRO B 18 10.42 -1.01 -9.96
N GLN B 19 11.24 -0.01 -10.21
CA GLN B 19 12.63 -0.04 -9.80
C GLN B 19 12.85 0.98 -8.69
N VAL B 20 13.60 0.59 -7.66
CA VAL B 20 13.91 1.50 -6.56
C VAL B 20 15.33 2.09 -6.66
N MET B 21 15.39 3.42 -6.68
CA MET B 21 16.65 4.17 -6.74
C MET B 21 17.00 4.83 -5.40
N GLY B 22 18.05 4.34 -4.76
CA GLY B 22 18.44 4.85 -3.46
C GLY B 22 19.11 6.21 -3.50
N ILE B 23 18.64 7.15 -2.70
CA ILE B 23 19.24 8.49 -2.64
C ILE B 23 20.55 8.49 -1.83
N LEU B 24 21.53 9.25 -2.31
CA LEU B 24 22.84 9.35 -1.64
C LEU B 24 23.35 10.79 -1.49
N ASN B 25 23.86 11.10 -0.29
CA ASN B 25 24.27 12.46 0.06
C ASN B 25 25.39 12.44 1.11
N ASN B 38 37.07 7.95 7.46
CA ASN B 38 36.78 8.53 6.15
C ASN B 38 35.29 8.64 5.89
N ASN B 39 34.86 9.85 5.49
CA ASN B 39 33.45 10.13 5.18
C ASN B 39 33.03 9.50 3.85
N LEU B 40 34.02 9.17 3.01
CA LEU B 40 33.81 8.47 1.74
C LEU B 40 33.55 6.99 1.97
N ASP B 41 34.10 6.46 3.05
CA ASP B 41 33.83 5.09 3.50
C ASP B 41 32.40 4.95 4.01
N GLN B 42 31.92 5.97 4.74
CA GLN B 42 30.57 5.98 5.30
C GLN B 42 29.48 6.09 4.22
N ALA B 43 29.85 6.72 3.10
CA ALA B 43 28.97 6.81 1.93
C ALA B 43 28.95 5.48 1.16
N LEU B 44 30.13 4.89 1.00
CA LEU B 44 30.34 3.60 0.33
C LEU B 44 29.70 2.44 1.09
N GLN B 45 29.64 2.61 2.42
CA GLN B 45 28.97 1.67 3.32
C GLN B 45 27.46 1.84 3.18
N HIS B 46 27.04 3.10 3.04
CA HIS B 46 25.64 3.46 2.84
C HIS B 46 25.11 2.79 1.57
N ALA B 47 25.85 2.92 0.47
CA ALA B 47 25.43 2.31 -0.78
C ALA B 47 25.20 0.80 -0.64
N GLN B 48 26.15 0.09 -0.02
CA GLN B 48 26.04 -1.35 0.20
C GLN B 48 24.75 -1.77 0.90
N ARG B 49 24.35 -0.99 1.89
CA ARG B 49 23.11 -1.28 2.61
C ARG B 49 21.94 -1.22 1.65
N MET B 50 21.96 -0.21 0.78
CA MET B 50 20.93 -0.01 -0.21
C MET B 50 20.95 -1.11 -1.27
N LEU B 51 22.14 -1.48 -1.72
CA LEU B 51 22.27 -2.57 -2.68
C LEU B 51 21.65 -3.86 -2.16
N SER B 52 21.96 -4.23 -0.92
CA SER B 52 21.42 -5.45 -0.31
C SER B 52 19.94 -5.30 0.06
N ALA B 53 19.51 -4.07 0.29
CA ALA B 53 18.09 -3.80 0.52
C ALA B 53 17.30 -4.09 -0.75
N GLY B 54 17.84 -3.74 -1.91
CA GLY B 54 17.14 -4.03 -3.16
C GLY B 54 17.11 -2.90 -4.19
N ALA B 55 17.91 -1.87 -3.95
CA ALA B 55 18.14 -0.81 -4.92
C ALA B 55 18.75 -1.40 -6.19
N THR B 56 18.42 -0.80 -7.33
CA THR B 56 19.00 -1.22 -8.59
C THR B 56 19.52 0.01 -9.29
N LEU B 57 19.32 1.15 -8.64
CA LEU B 57 19.92 2.42 -9.02
C LEU B 57 20.30 3.15 -7.74
N ILE B 58 21.38 3.93 -7.79
CA ILE B 58 21.86 4.68 -6.65
C ILE B 58 22.02 6.12 -7.08
N ASP B 59 21.14 7.01 -6.61
CA ASP B 59 21.15 8.39 -7.06
C ASP B 59 22.04 9.27 -6.22
N ILE B 60 23.19 9.63 -6.80
CA ILE B 60 24.22 10.41 -6.11
C ILE B 60 24.00 11.93 -6.24
N GLY B 61 23.77 12.57 -5.11
CA GLY B 61 23.49 14.01 -5.05
C GLY B 61 24.63 14.84 -4.49
N GLU B 77 28.58 24.54 -4.19
CA GLU B 77 30.03 24.69 -4.40
C GLU B 77 30.39 24.47 -5.88
N LEU B 78 31.29 25.31 -6.40
CA LEU B 78 31.72 25.22 -7.79
C LEU B 78 32.37 23.87 -8.09
N ASP B 79 33.25 23.44 -7.17
CA ASP B 79 33.98 22.20 -7.33
C ASP B 79 33.60 21.23 -6.21
N ARG B 80 33.05 20.11 -6.61
CA ARG B 80 32.87 18.98 -5.73
C ARG B 80 33.34 17.74 -6.48
N VAL B 81 34.65 17.50 -6.40
CA VAL B 81 35.30 16.36 -7.03
C VAL B 81 34.67 15.07 -6.50
N VAL B 82 33.66 14.57 -7.23
CA VAL B 82 32.91 13.37 -6.84
C VAL B 82 33.55 12.12 -7.47
N PRO B 83 34.46 11.47 -6.70
CA PRO B 83 35.14 10.26 -7.14
C PRO B 83 34.35 9.08 -6.62
N VAL B 84 33.17 9.40 -6.09
CA VAL B 84 32.27 8.41 -5.55
C VAL B 84 31.62 7.64 -6.70
N VAL B 85 31.35 8.33 -7.81
CA VAL B 85 30.90 7.65 -9.01
C VAL B 85 32.00 6.70 -9.43
N GLU B 86 33.24 7.20 -9.34
CA GLU B 86 34.46 6.41 -9.59
C GLU B 86 34.55 5.26 -8.60
N ALA B 87 34.31 5.56 -7.33
CA ALA B 87 34.31 4.54 -6.28
C ALA B 87 33.24 3.48 -6.56
N LEU B 88 32.02 3.93 -6.83
CA LEU B 88 30.92 3.00 -7.07
C LEU B 88 31.04 2.25 -8.39
N ALA B 89 31.48 2.94 -9.45
CA ALA B 89 31.68 2.29 -10.73
C ALA B 89 32.59 1.12 -10.50
N GLN B 90 33.77 1.42 -9.95
CA GLN B 90 34.78 0.42 -9.61
C GLN B 90 34.26 -0.58 -8.57
N ARG B 91 33.55 -0.10 -7.55
CA ARG B 91 33.14 -0.99 -6.46
C ARG B 91 32.01 -1.94 -6.83
N PHE B 92 30.99 -1.43 -7.51
CA PHE B 92 29.77 -2.22 -7.75
C PHE B 92 29.36 -2.41 -9.21
N ASP B 93 28.22 -3.09 -9.38
CA ASP B 93 27.61 -3.37 -10.67
C ASP B 93 26.12 -3.03 -10.59
N VAL B 94 25.82 -1.74 -10.73
CA VAL B 94 24.49 -1.21 -10.45
C VAL B 94 24.39 0.17 -11.09
N TRP B 95 23.19 0.55 -11.52
CA TRP B 95 23.00 1.84 -12.17
C TRP B 95 23.36 3.03 -11.29
N LEU B 96 24.08 3.97 -11.90
CA LEU B 96 24.53 5.17 -11.21
C LEU B 96 23.97 6.41 -11.90
N SER B 97 23.27 7.22 -11.14
CA SER B 97 22.62 8.42 -11.62
C SER B 97 23.06 9.58 -10.76
N VAL B 98 23.12 10.77 -11.36
CA VAL B 98 23.51 11.97 -10.64
C VAL B 98 22.57 13.13 -10.96
N ASP B 99 22.01 13.72 -9.90
CA ASP B 99 21.21 14.93 -10.03
C ASP B 99 22.09 16.16 -9.93
N THR B 100 22.30 16.78 -11.08
CA THR B 100 23.22 17.90 -11.22
C THR B 100 22.72 18.83 -12.32
N SER B 101 23.09 20.10 -12.24
CA SER B 101 22.64 21.11 -13.20
C SER B 101 23.78 21.68 -14.07
N LYS B 102 24.96 21.84 -13.47
CA LYS B 102 26.08 22.50 -14.14
C LYS B 102 26.70 21.71 -15.29
N ALA B 103 27.18 22.45 -16.30
CA ALA B 103 27.71 21.88 -17.54
C ALA B 103 28.97 21.04 -17.37
N ALA B 104 29.75 21.32 -16.33
CA ALA B 104 30.96 20.55 -16.04
C ALA B 104 30.63 19.20 -15.37
N VAL B 105 29.89 19.25 -14.26
CA VAL B 105 29.66 18.10 -13.39
C VAL B 105 29.10 16.85 -14.10
N ILE B 106 28.46 17.06 -15.25
CA ILE B 106 27.87 15.98 -16.03
C ILE B 106 28.92 15.11 -16.73
N THR B 107 29.82 15.73 -17.48
CA THR B 107 30.81 15.02 -18.29
C THR B 107 31.81 14.27 -17.40
N GLU B 108 32.41 14.99 -16.45
CA GLU B 108 33.45 14.41 -15.59
C GLU B 108 32.95 13.13 -14.91
N SER B 109 31.70 13.12 -14.49
CA SER B 109 31.09 11.96 -13.81
C SER B 109 30.85 10.78 -14.75
N ALA B 110 30.75 11.05 -16.05
CA ALA B 110 30.73 10.00 -17.06
C ALA B 110 32.12 9.37 -17.15
N HIS B 111 33.16 10.20 -17.20
CA HIS B 111 34.55 9.75 -17.04
C HIS B 111 34.60 8.71 -15.92
N ALA B 112 34.00 9.07 -14.79
CA ALA B 112 33.97 8.24 -13.59
C ALA B 112 33.34 6.86 -13.83
N GLY B 113 32.23 6.86 -14.55
CA GLY B 113 31.54 5.61 -14.90
C GLY B 113 30.10 5.57 -14.45
N ALA B 114 29.36 6.65 -14.72
CA ALA B 114 27.93 6.73 -14.39
C ALA B 114 27.05 6.11 -15.50
N HIS B 115 25.75 6.02 -15.25
CA HIS B 115 24.80 5.44 -16.21
C HIS B 115 23.63 6.36 -16.55
N LEU B 116 23.37 7.34 -15.71
CA LEU B 116 22.21 8.18 -15.90
C LEU B 116 22.46 9.57 -15.37
N ILE B 117 21.86 10.56 -16.02
CA ILE B 117 21.94 11.94 -15.58
C ILE B 117 20.58 12.43 -15.15
N ASN B 118 20.52 12.85 -13.89
CA ASN B 118 19.32 13.37 -13.30
C ASN B 118 19.50 14.88 -13.14
N ASP B 119 18.72 15.66 -13.87
CA ASP B 119 18.73 17.10 -13.65
C ASP B 119 17.35 17.66 -13.30
N ILE B 120 17.36 18.46 -12.25
CA ILE B 120 16.20 19.15 -11.73
C ILE B 120 15.84 20.33 -12.65
N ARG B 121 16.85 21.15 -12.93
CA ARG B 121 16.67 22.38 -13.71
C ARG B 121 16.64 22.11 -15.20
N SER B 122 16.37 20.85 -15.56
CA SER B 122 16.27 20.39 -16.95
C SER B 122 17.22 21.13 -17.89
N LEU B 123 18.52 21.04 -17.58
CA LEU B 123 19.63 21.49 -18.44
C LEU B 123 19.57 22.98 -18.86
N GLN B 124 18.93 23.81 -18.05
CA GLN B 124 18.76 25.23 -18.35
C GLN B 124 20.07 26.01 -18.24
N GLU B 125 20.97 25.53 -17.38
CA GLU B 125 22.31 26.09 -17.22
C GLU B 125 23.04 26.08 -18.57
N PRO B 126 23.63 27.22 -18.97
CA PRO B 126 24.37 27.26 -20.23
C PRO B 126 25.30 26.05 -20.43
N GLY B 127 25.32 25.52 -21.64
CA GLY B 127 26.24 24.44 -22.02
C GLY B 127 25.75 23.04 -21.74
N ALA B 128 25.12 22.85 -20.59
CA ALA B 128 24.71 21.52 -20.10
C ALA B 128 23.90 20.69 -21.10
N LEU B 129 22.95 21.34 -21.78
CA LEU B 129 22.11 20.70 -22.80
C LEU B 129 22.98 19.93 -23.77
N GLU B 130 24.05 20.57 -24.22
CA GLU B 130 24.99 19.99 -25.16
C GLU B 130 26.03 19.14 -24.44
N ALA B 131 26.39 19.54 -23.22
CA ALA B 131 27.40 18.83 -22.43
C ALA B 131 26.96 17.41 -22.12
N ALA B 132 25.66 17.24 -21.88
CA ALA B 132 25.06 15.95 -21.61
C ALA B 132 24.81 15.12 -22.88
N ALA B 133 24.98 15.77 -24.04
CA ALA B 133 24.78 15.10 -25.32
C ALA B 133 26.01 14.32 -25.78
N LYS B 134 27.20 14.76 -25.35
CA LYS B 134 28.48 14.20 -25.79
C LYS B 134 28.91 12.98 -24.98
N THR B 135 28.08 12.60 -24.00
CA THR B 135 28.43 11.54 -23.06
C THR B 135 27.62 10.26 -23.26
N GLY B 136 26.50 10.38 -23.97
CA GLY B 136 25.73 9.23 -24.45
C GLY B 136 25.04 8.38 -23.42
N LEU B 137 24.71 8.96 -22.27
CA LEU B 137 24.00 8.24 -21.19
C LEU B 137 22.61 8.87 -20.93
N PRO B 138 21.63 8.04 -20.53
CA PRO B 138 20.25 8.46 -20.21
C PRO B 138 20.13 9.73 -19.38
N VAL B 139 19.06 10.49 -19.62
CA VAL B 139 18.83 11.77 -18.97
C VAL B 139 17.43 11.84 -18.39
N CYS B 140 17.28 12.61 -17.30
CA CYS B 140 16.00 12.71 -16.62
C CYS B 140 15.52 14.16 -16.53
N LEU B 141 14.36 14.44 -17.13
CA LEU B 141 13.78 15.77 -17.10
C LEU B 141 12.89 15.94 -15.89
N MET B 142 12.89 17.13 -15.29
CA MET B 142 12.03 17.38 -14.12
C MET B 142 11.25 18.70 -14.19
N HIS B 143 9.92 18.59 -14.15
CA HIS B 143 9.04 19.77 -14.14
C HIS B 143 9.27 20.66 -12.93
N MET B 144 9.32 21.97 -13.18
CA MET B 144 9.59 22.97 -12.16
C MET B 144 8.96 24.30 -12.56
N GLN B 145 8.11 24.86 -11.68
CA GLN B 145 7.39 26.12 -11.97
C GLN B 145 8.27 27.29 -12.45
N ASP B 159 -5.28 24.95 -14.90
CA ASP B 159 -5.16 23.50 -15.03
C ASP B 159 -3.71 23.04 -14.90
N LEU B 160 -3.40 22.46 -13.75
CA LEU B 160 -2.05 22.01 -13.37
C LEU B 160 -1.43 20.96 -14.31
N MET B 161 -2.20 19.95 -14.68
CA MET B 161 -1.71 18.87 -15.53
C MET B 161 -1.40 19.35 -16.95
N THR B 162 -2.34 20.09 -17.55
CA THR B 162 -2.15 20.70 -18.87
C THR B 162 -0.79 21.39 -18.95
N ASP B 163 -0.58 22.33 -18.03
CA ASP B 163 0.66 23.09 -17.89
C ASP B 163 1.89 22.20 -17.90
N ILE B 164 1.84 21.11 -17.14
CA ILE B 164 2.95 20.16 -16.99
C ILE B 164 3.20 19.42 -18.30
N ASN B 165 2.12 18.91 -18.87
CA ASN B 165 2.18 18.14 -20.11
C ASN B 165 2.78 18.97 -21.25
N ARG B 166 2.17 20.11 -21.55
CA ARG B 166 2.67 21.00 -22.59
C ARG B 166 4.13 21.39 -22.31
N PHE B 167 4.43 21.73 -21.05
CA PHE B 167 5.80 22.02 -20.63
C PHE B 167 6.73 20.89 -21.05
N PHE B 168 6.37 19.66 -20.66
CA PHE B 168 7.16 18.48 -20.99
C PHE B 168 7.32 18.33 -22.50
N GLN B 169 6.19 18.33 -23.22
CA GLN B 169 6.16 18.18 -24.69
C GLN B 169 7.13 19.15 -25.35
N HIS B 170 7.09 20.40 -24.87
CA HIS B 170 7.99 21.47 -25.29
C HIS B 170 9.46 21.07 -25.08
N HIS B 171 9.78 20.59 -23.88
CA HIS B 171 11.17 20.33 -23.51
C HIS B 171 11.78 19.09 -24.16
N ILE B 172 10.94 18.11 -24.48
CA ILE B 172 11.39 16.92 -25.19
C ILE B 172 11.82 17.27 -26.62
N GLU B 173 11.21 18.32 -27.17
CA GLU B 173 11.58 18.83 -28.50
C GLU B 173 13.04 19.30 -28.57
N ARG B 174 13.52 19.96 -27.51
CA ARG B 174 14.90 20.46 -27.46
C ARG B 174 15.95 19.36 -27.54
N CYS B 175 15.71 18.27 -26.81
CA CYS B 175 16.67 17.17 -26.64
C CYS B 175 16.91 16.38 -27.93
N VAL B 176 15.85 16.18 -28.71
CA VAL B 176 15.97 15.53 -30.01
C VAL B 176 16.61 16.52 -30.99
N ALA B 177 16.31 17.81 -30.81
CA ALA B 177 16.77 18.88 -31.70
C ALA B 177 18.28 19.12 -31.67
N ALA B 178 18.90 18.87 -30.53
CA ALA B 178 20.34 19.11 -30.38
C ALA B 178 21.17 17.95 -29.77
N GLY B 179 20.76 16.70 -30.02
CA GLY B 179 21.68 15.57 -29.78
C GLY B 179 21.21 14.18 -29.37
N ILE B 180 20.21 14.09 -28.48
CA ILE B 180 19.92 12.83 -27.80
C ILE B 180 18.56 12.23 -28.15
N ALA B 181 18.57 10.99 -28.63
CA ALA B 181 17.37 10.34 -29.16
C ALA B 181 16.33 10.04 -28.09
N LYS B 182 15.06 10.10 -28.48
CA LYS B 182 13.93 10.08 -27.53
C LYS B 182 13.97 8.94 -26.51
N ASN B 183 14.31 7.72 -26.95
CA ASN B 183 14.32 6.55 -26.08
C ASN B 183 15.45 6.56 -25.04
N LYS B 184 16.05 7.73 -24.84
CA LYS B 184 17.09 7.92 -23.83
C LYS B 184 16.66 8.91 -22.74
N LEU B 185 15.39 9.33 -22.79
CA LEU B 185 14.86 10.33 -21.87
C LEU B 185 13.92 9.73 -20.81
N LEU B 186 14.02 10.27 -19.60
CA LEU B 186 13.19 9.87 -18.46
C LEU B 186 12.48 11.07 -17.88
N LEU B 187 11.23 10.88 -17.45
CA LEU B 187 10.38 12.00 -17.05
C LEU B 187 10.05 12.02 -15.55
N ASP B 188 10.51 13.07 -14.88
CA ASP B 188 10.17 13.30 -13.49
C ASP B 188 9.19 14.48 -13.43
N PRO B 189 8.05 14.31 -12.74
CA PRO B 189 7.04 15.38 -12.57
C PRO B 189 7.43 16.43 -11.55
N GLY B 190 8.44 16.14 -10.72
CA GLY B 190 8.95 17.10 -9.74
C GLY B 190 7.97 17.38 -8.62
N PHE B 191 7.78 16.39 -7.75
CA PHE B 191 6.89 16.52 -6.60
C PHE B 191 7.46 17.46 -5.54
N GLY B 192 6.67 18.48 -5.17
CA GLY B 192 7.05 19.42 -4.11
C GLY B 192 7.96 20.55 -4.59
N PHE B 193 8.06 20.69 -5.91
CA PHE B 193 8.84 21.73 -6.55
C PHE B 193 7.88 22.80 -7.04
N GLY B 194 7.87 23.93 -6.34
CA GLY B 194 6.92 25.01 -6.62
C GLY B 194 5.52 24.44 -6.82
N LYS B 195 5.07 23.70 -5.81
CA LYS B 195 3.78 23.01 -5.86
C LYS B 195 3.11 22.99 -4.48
N ASN B 196 1.85 23.41 -4.44
CA ASN B 196 1.03 23.29 -3.24
C ASN B 196 0.76 21.83 -2.90
N LEU B 197 0.45 21.59 -1.63
CA LEU B 197 0.02 20.28 -1.13
C LEU B 197 -1.11 19.74 -2.01
N ALA B 198 -2.19 20.52 -2.11
CA ALA B 198 -3.34 20.17 -2.98
C ALA B 198 -2.84 19.67 -4.33
N HIS B 199 -2.14 20.55 -5.03
CA HIS B 199 -1.61 20.30 -6.36
C HIS B 199 -0.78 19.02 -6.44
N ASN B 200 0.15 18.81 -5.51
CA ASN B 200 0.95 17.59 -5.50
C ASN B 200 0.08 16.34 -5.45
N TYR B 201 -1.00 16.39 -4.68
CA TYR B 201 -1.96 15.29 -4.65
C TYR B 201 -2.84 15.24 -5.89
N GLN B 202 -3.13 16.41 -6.46
CA GLN B 202 -3.81 16.45 -7.77
C GLN B 202 -2.94 15.72 -8.79
N LEU B 203 -1.63 15.99 -8.75
CA LEU B 203 -0.69 15.33 -9.62
C LEU B 203 -0.72 13.83 -9.36
N LEU B 204 -0.33 13.40 -8.16
CA LEU B 204 -0.24 11.99 -7.86
C LEU B 204 -1.49 11.26 -8.35
N ALA B 205 -2.66 11.88 -8.15
CA ALA B 205 -3.93 11.29 -8.57
C ALA B 205 -4.00 11.03 -10.07
N HIS B 206 -3.50 11.97 -10.85
CA HIS B 206 -3.64 11.91 -12.30
C HIS B 206 -2.39 11.38 -13.01
N LEU B 207 -1.43 10.90 -12.22
CA LEU B 207 -0.13 10.41 -12.73
C LEU B 207 -0.16 9.48 -13.97
N SER B 208 -1.18 8.62 -14.06
CA SER B 208 -1.30 7.66 -15.19
C SER B 208 -1.32 8.32 -16.57
N GLU B 209 -1.78 9.57 -16.61
CA GLU B 209 -1.89 10.35 -17.86
C GLU B 209 -0.57 10.59 -18.60
N LEU B 210 0.52 10.72 -17.86
CA LEU B 210 1.85 11.00 -18.43
C LEU B 210 2.45 9.85 -19.26
N HIS B 211 1.78 8.70 -19.25
CA HIS B 211 2.15 7.56 -20.09
C HIS B 211 1.81 7.79 -21.57
N HIS B 212 1.45 9.02 -21.93
CA HIS B 212 1.07 9.29 -23.30
C HIS B 212 2.21 9.95 -24.09
N PHE B 213 3.38 10.03 -23.46
CA PHE B 213 4.60 10.46 -24.14
C PHE B 213 5.45 9.25 -24.46
N GLU B 214 4.97 8.09 -23.99
CA GLU B 214 5.65 6.80 -24.14
C GLU B 214 7.12 6.89 -23.73
N LEU B 215 7.32 7.52 -22.58
CA LEU B 215 8.60 7.54 -21.89
C LEU B 215 8.39 7.18 -20.43
N PRO B 216 9.39 6.53 -19.81
CA PRO B 216 9.35 6.13 -18.39
C PRO B 216 9.32 7.30 -17.41
N LEU B 217 8.68 7.10 -16.27
CA LEU B 217 8.61 8.14 -15.24
C LEU B 217 9.44 7.78 -14.01
N LEU B 218 10.16 8.78 -13.49
CA LEU B 218 10.81 8.65 -12.19
C LEU B 218 10.12 9.63 -11.26
N VAL B 219 9.59 9.16 -10.13
CA VAL B 219 9.03 10.06 -9.13
C VAL B 219 9.83 10.10 -7.83
N GLY B 220 9.77 11.25 -7.17
CA GLY B 220 10.46 11.45 -5.90
C GLY B 220 9.56 12.16 -4.93
N MET B 221 9.13 11.42 -3.89
CA MET B 221 8.20 11.96 -2.87
C MET B 221 8.64 11.61 -1.45
N SER B 222 9.80 10.97 -1.34
CA SER B 222 10.24 10.40 -0.10
C SER B 222 10.43 11.47 0.95
N ARG B 223 9.67 11.33 2.03
CA ARG B 223 9.81 12.16 3.22
C ARG B 223 9.69 13.62 2.84
N LYS B 224 8.91 13.89 1.80
CA LYS B 224 8.67 15.27 1.39
C LYS B 224 7.50 15.92 2.14
N SER B 225 7.41 17.23 2.02
CA SER B 225 6.40 18.06 2.67
C SER B 225 4.98 17.67 2.29
N MET B 226 4.79 17.14 1.08
CA MET B 226 3.47 16.66 0.67
C MET B 226 2.95 15.57 1.62
N VAL B 227 3.88 14.85 2.26
CA VAL B 227 3.54 13.82 3.26
C VAL B 227 3.49 14.46 4.65
N GLY B 228 4.55 15.16 5.03
CA GLY B 228 4.68 15.74 6.36
C GLY B 228 3.53 16.63 6.79
N GLN B 229 2.90 17.30 5.84
CA GLN B 229 1.84 18.25 6.16
C GLN B 229 0.51 17.55 6.36
N LEU B 230 0.35 16.36 5.77
CA LEU B 230 -0.83 15.55 6.03
C LEU B 230 -0.74 14.87 7.38
N LEU B 231 0.35 14.15 7.58
CA LEU B 231 0.47 13.27 8.73
C LEU B 231 0.93 13.99 9.99
N ASN B 232 1.35 15.25 9.81
CA ASN B 232 1.87 16.09 10.92
C ASN B 232 2.93 15.34 11.73
N VAL B 233 4.06 15.08 11.05
CA VAL B 233 5.18 14.29 11.60
C VAL B 233 6.55 14.65 10.94
N PRO B 234 7.65 14.59 11.72
CA PRO B 234 9.03 14.73 11.24
C PRO B 234 9.45 13.68 10.20
N PRO B 235 10.50 13.99 9.43
CA PRO B 235 10.98 13.16 8.32
C PRO B 235 11.14 11.66 8.60
N GLN B 236 11.78 11.31 9.72
CA GLN B 236 12.02 9.88 10.05
C GLN B 236 10.73 9.11 10.17
N GLN B 237 9.70 9.78 10.66
CA GLN B 237 8.40 9.16 10.86
C GLN B 237 7.54 9.24 9.61
N ARG B 238 8.12 9.72 8.50
CA ARG B 238 7.42 9.87 7.23
C ARG B 238 7.59 8.68 6.29
N VAL B 239 8.16 7.59 6.81
CA VAL B 239 8.41 6.38 6.06
C VAL B 239 7.13 5.86 5.45
N ILE B 240 6.21 5.43 6.31
CA ILE B 240 4.91 4.88 5.91
C ILE B 240 4.15 5.72 4.90
N GLY B 241 4.20 7.04 5.03
CA GLY B 241 3.51 7.93 4.11
C GLY B 241 4.21 7.97 2.79
N SER B 242 5.55 7.92 2.81
CA SER B 242 6.30 7.87 1.55
C SER B 242 6.01 6.55 0.86
N VAL B 243 6.01 5.47 1.62
CA VAL B 243 5.76 4.23 0.98
C VAL B 243 4.33 4.25 0.37
N ALA B 244 3.37 4.85 1.08
CA ALA B 244 2.00 4.86 0.56
C ALA B 244 1.93 5.63 -0.77
N CYS B 245 2.66 6.72 -0.89
CA CYS B 245 2.71 7.44 -2.16
C CYS B 245 3.31 6.56 -3.25
N ALA B 246 4.45 5.97 -2.94
CA ALA B 246 5.13 5.09 -3.85
C ALA B 246 4.21 3.97 -4.44
N VAL B 247 3.43 3.32 -3.59
CA VAL B 247 2.49 2.30 -4.05
C VAL B 247 1.49 2.93 -5.01
N ILE B 248 0.99 4.11 -4.65
CA ILE B 248 -0.03 4.76 -5.49
C ILE B 248 0.59 5.16 -6.82
N ALA B 249 1.87 5.50 -6.79
CA ALA B 249 2.59 5.89 -7.99
C ALA B 249 2.79 4.66 -8.85
N ALA B 250 3.27 3.58 -8.25
CA ALA B 250 3.56 2.35 -8.99
C ALA B 250 2.31 1.68 -9.54
N MET B 251 1.18 1.84 -8.85
CA MET B 251 -0.07 1.24 -9.31
C MET B 251 -0.48 1.89 -10.61
N GLN B 252 0.13 3.02 -10.89
CA GLN B 252 -0.20 3.80 -12.07
C GLN B 252 0.91 3.67 -13.10
N GLY B 253 1.76 2.65 -12.90
CA GLY B 253 2.76 2.29 -13.89
C GLY B 253 4.06 3.06 -13.84
N ALA B 254 4.27 3.83 -12.78
CA ALA B 254 5.52 4.58 -12.65
C ALA B 254 6.66 3.58 -12.49
N GLN B 255 7.67 3.72 -13.32
CA GLN B 255 8.71 2.71 -13.41
C GLN B 255 9.87 2.88 -12.42
N ILE B 256 10.22 4.12 -12.11
CA ILE B 256 11.27 4.34 -11.11
C ILE B 256 10.82 5.24 -9.94
N ILE B 257 11.16 4.80 -8.75
CA ILE B 257 10.80 5.46 -7.49
C ILE B 257 12.09 5.75 -6.77
N ARG B 258 12.27 7.02 -6.40
CA ARG B 258 13.50 7.52 -5.79
C ARG B 258 13.29 7.71 -4.26
N VAL B 259 13.96 6.91 -3.45
CA VAL B 259 13.65 6.86 -2.01
C VAL B 259 14.84 6.90 -1.03
N HIS B 260 14.57 7.36 0.18
CA HIS B 260 15.52 7.28 1.27
C HIS B 260 15.42 5.88 1.88
N ASP B 261 14.20 5.34 1.90
CA ASP B 261 13.83 4.12 2.63
C ASP B 261 13.69 2.94 1.68
N VAL B 262 14.84 2.40 1.29
CA VAL B 262 14.95 1.40 0.23
C VAL B 262 14.29 0.07 0.59
N LYS B 263 14.59 -0.47 1.76
CA LYS B 263 14.10 -1.79 2.13
C LYS B 263 12.56 -1.77 2.17
N GLU B 264 12.00 -0.71 2.72
CA GLU B 264 10.55 -0.61 2.87
C GLU B 264 9.87 -0.50 1.51
N THR B 265 10.44 0.34 0.65
CA THR B 265 9.92 0.60 -0.68
C THR B 265 10.01 -0.66 -1.55
N VAL B 266 11.18 -1.31 -1.55
CA VAL B 266 11.33 -2.54 -2.32
C VAL B 266 10.27 -3.55 -1.85
N GLU B 267 10.13 -3.71 -0.53
CA GLU B 267 9.09 -4.56 0.01
C GLU B 267 7.76 -4.20 -0.64
N ALA B 268 7.43 -2.92 -0.64
CA ALA B 268 6.17 -2.44 -1.22
C ALA B 268 6.03 -2.70 -2.71
N MET B 269 7.13 -2.63 -3.45
CA MET B 269 7.04 -2.89 -4.89
C MET B 269 6.80 -4.35 -5.21
N CYS B 270 7.14 -5.29 -4.34
CA CYS B 270 6.77 -6.67 -4.64
C CYS B 270 5.26 -6.84 -4.61
N ILE B 271 4.64 -6.22 -3.60
CA ILE B 271 3.23 -6.35 -3.40
C ILE B 271 2.58 -5.74 -4.64
N VAL B 272 3.10 -4.60 -5.07
CA VAL B 272 2.63 -3.95 -6.29
C VAL B 272 2.82 -4.84 -7.52
N GLU B 273 4.04 -5.37 -7.72
CA GLU B 273 4.29 -6.20 -8.90
C GLU B 273 3.42 -7.45 -8.88
N ALA B 274 3.29 -8.07 -7.72
CA ALA B 274 2.46 -9.27 -7.64
C ALA B 274 1.03 -8.95 -8.01
N THR B 275 0.57 -7.78 -7.60
CA THR B 275 -0.78 -7.35 -7.91
C THR B 275 -0.95 -7.10 -9.42
N ARG B 276 0.02 -6.46 -10.03
CA ARG B 276 -0.07 -6.13 -11.45
C ARG B 276 0.15 -7.33 -12.36
N SER B 277 0.98 -8.28 -11.91
CA SER B 277 1.13 -9.56 -12.59
C SER B 277 -0.10 -10.47 -12.58
N ALA B 278 -1.02 -10.30 -11.64
CA ALA B 278 -2.15 -11.20 -11.55
C ALA B 278 -3.17 -10.83 -12.61
N LYS B 279 -3.46 -9.52 -12.68
CA LYS B 279 -4.19 -8.89 -13.80
C LYS B 279 -4.12 -9.70 -15.10
#